data_8BZV
#
_entry.id   8BZV
#
_cell.length_a   167.320
_cell.length_b   167.320
_cell.length_c   51.540
_cell.angle_alpha   90.000
_cell.angle_beta   90.000
_cell.angle_gamma   120.000
#
_symmetry.space_group_name_H-M   'P 31 2 1'
#
loop_
_entity.id
_entity.type
_entity.pdbx_description
1 polymer "2'-O-methyltransferase nsp16"
2 polymer 'Non-structural protein 10'
3 non-polymer ADENOSINE
4 non-polymer 1,2-ETHANEDIOL
5 non-polymer '2-(N-MORPHOLINO)-ETHANESULFONIC ACID'
6 non-polymer 'CHLORIDE ION'
7 non-polymer 'ZINC ION'
8 water water
#
loop_
_entity_poly.entity_id
_entity_poly.type
_entity_poly.pdbx_seq_one_letter_code
_entity_poly.pdbx_strand_id
1 'polypeptide(L)'
;SSQAWQPGVAMPNLYKMQRMLLEKCDLQNYGDSATLPKGIMMNVAKYTQLCQYLNTLTLAVPYNMRVIHFGAGSDKGVAP
GTAVLRQWLPTGTLLVDSDLNDFVSDADSTLIGDCATVHTANKWDLIISDMYDPKTKNVTKENDSKEGFFTYICGFIQQK
LALGGSVAIKITEHSWNADLYKLMGHFAWWTAFVTNVNASSSEAFLIGCNYLGKPREQIDGYVMHANYIFWRNTNPIQLS
SYSLFDMSKFPLKLRGTAVMSLKEGQINDMILSLLSKGRLIIRENNRVVISSDVLVNNENLYFQ
;
A
2 'polypeptide(L)'
;GAGNATEVPANSTVLSFCAFAVDAAKAYKDYLASGGQPITNCVKMLCTHTGTGQAITVTPEANMDQESFGGASCCLYCRC
HIDHPNPKGFCDLKGKYVQIPTTCANDPVGFTLKNTVCTVCGMWKGYGCSCDQLREPMLQ
;
B
#
loop_
_chem_comp.id
_chem_comp.type
_chem_comp.name
_chem_comp.formula
ADN non-polymer ADENOSINE 'C10 H13 N5 O4'
CL non-polymer 'CHLORIDE ION' 'Cl -1'
EDO non-polymer 1,2-ETHANEDIOL 'C2 H6 O2'
MES non-polymer '2-(N-MORPHOLINO)-ETHANESULFONIC ACID' 'C6 H13 N O4 S'
ZN non-polymer 'ZINC ION' 'Zn 2'
#
# COMPACT_ATOMS: atom_id res chain seq x y z
N SER A 1 24.63 9.02 0.00
CA SER A 1 25.22 9.59 -1.26
C SER A 1 24.15 10.37 -2.00
N SER A 2 24.28 10.41 -3.35
CA SER A 2 23.19 10.80 -4.25
C SER A 2 21.98 9.88 -4.08
N GLN A 3 22.21 8.74 -3.42
CA GLN A 3 21.12 7.86 -3.02
C GLN A 3 20.13 8.58 -2.12
N ALA A 4 20.58 9.60 -1.38
CA ALA A 4 19.68 10.28 -0.45
C ALA A 4 18.58 11.02 -1.16
N TRP A 5 18.74 11.35 -2.44
CA TRP A 5 17.68 12.01 -3.18
C TRP A 5 16.80 11.04 -3.94
N GLN A 6 17.07 9.76 -3.85
CA GLN A 6 16.19 8.74 -4.39
C GLN A 6 15.12 8.39 -3.36
N PRO A 7 14.08 7.67 -3.78
CA PRO A 7 13.09 7.19 -2.79
C PRO A 7 13.65 6.06 -1.94
N GLY A 8 14.71 5.41 -2.38
CA GLY A 8 15.28 4.31 -1.63
C GLY A 8 16.41 3.71 -2.41
N VAL A 9 16.81 2.51 -2.02
CA VAL A 9 17.94 1.83 -2.63
C VAL A 9 17.54 0.41 -2.97
N ALA A 10 17.76 0.03 -4.22
CA ALA A 10 17.50 -1.34 -4.69
C ALA A 10 18.77 -2.17 -4.58
N MET A 11 18.62 -3.46 -4.26
CA MET A 11 19.76 -4.38 -4.18
C MET A 11 20.61 -4.33 -5.44
N PRO A 12 21.88 -3.96 -5.38
CA PRO A 12 22.73 -4.02 -6.58
C PRO A 12 22.87 -5.43 -7.12
N ASN A 13 22.86 -5.54 -8.46
CA ASN A 13 22.85 -6.85 -9.12
C ASN A 13 24.01 -7.74 -8.67
N LEU A 14 25.18 -7.15 -8.42
CA LEU A 14 26.31 -8.01 -8.04
C LEU A 14 26.06 -8.71 -6.72
N TYR A 15 25.34 -8.08 -5.79
CA TYR A 15 25.03 -8.80 -4.56
C TYR A 15 24.11 -9.98 -4.81
N LYS A 16 23.19 -9.85 -5.77
CA LYS A 16 22.29 -10.95 -6.08
C LYS A 16 23.04 -12.16 -6.63
N MET A 17 24.23 -11.95 -7.18
CA MET A 17 24.99 -13.03 -7.81
C MET A 17 25.91 -13.74 -6.86
N GLN A 18 25.91 -13.39 -5.59
CA GLN A 18 26.84 -14.01 -4.66
C GLN A 18 26.30 -15.35 -4.16
N ARG A 19 27.12 -16.03 -3.35
N ARG A 19 27.11 -16.03 -3.34
CA ARG A 19 26.73 -17.25 -2.64
CA ARG A 19 26.69 -17.25 -2.65
C ARG A 19 27.10 -17.09 -1.17
C ARG A 19 27.08 -17.11 -1.17
N MET A 20 26.47 -16.13 -0.52
CA MET A 20 26.80 -15.85 0.86
C MET A 20 26.13 -16.84 1.81
N LEU A 21 26.70 -16.92 3.02
CA LEU A 21 26.05 -17.64 4.11
C LEU A 21 25.26 -16.66 4.95
N LEU A 22 24.19 -17.14 5.56
CA LEU A 22 23.32 -16.23 6.30
C LEU A 22 23.97 -15.82 7.59
N GLU A 23 23.99 -14.53 7.86
CA GLU A 23 24.52 -13.99 9.11
C GLU A 23 23.43 -13.15 9.78
N LYS A 24 23.69 -12.80 11.03
CA LYS A 24 22.87 -11.81 11.71
C LYS A 24 22.98 -10.46 10.99
N CYS A 25 21.88 -9.73 10.96
CA CYS A 25 21.87 -8.39 10.38
C CYS A 25 22.20 -7.38 11.47
N ASP A 26 23.27 -6.62 11.27
N ASP A 26 23.30 -6.65 11.30
CA ASP A 26 23.69 -5.57 12.20
CA ASP A 26 23.68 -5.57 12.21
C ASP A 26 23.82 -4.27 11.41
C ASP A 26 23.80 -4.29 11.40
N LEU A 27 22.83 -3.40 11.52
CA LEU A 27 22.82 -2.18 10.73
C LEU A 27 23.50 -1.06 11.53
N GLN A 28 24.45 -0.40 10.86
CA GLN A 28 25.16 0.73 11.43
C GLN A 28 24.21 1.78 11.97
N ASN A 29 23.24 2.19 11.14
N ASN A 29 23.28 2.23 11.11
CA ASN A 29 22.29 3.23 11.51
CA ASN A 29 22.38 3.32 11.44
C ASN A 29 21.01 2.66 12.12
C ASN A 29 21.15 2.87 12.22
N TYR A 30 21.09 1.53 12.81
N TYR A 30 21.14 1.62 12.71
CA TYR A 30 19.96 0.98 13.55
CA TYR A 30 20.03 1.12 13.51
C TYR A 30 19.61 1.92 14.71
C TYR A 30 19.64 2.12 14.59
N GLY A 31 18.33 2.27 14.81
CA GLY A 31 17.87 3.25 15.77
C GLY A 31 17.83 4.72 15.36
N ASP A 32 18.65 5.15 14.40
CA ASP A 32 18.36 6.43 13.74
C ASP A 32 16.91 6.44 13.27
N SER A 33 16.33 7.64 13.19
CA SER A 33 15.00 7.84 12.62
C SER A 33 15.09 8.98 11.61
N ALA A 34 14.41 8.81 10.47
CA ALA A 34 14.32 9.92 9.51
C ALA A 34 13.37 10.98 10.07
N THR A 35 13.57 12.21 9.64
CA THR A 35 12.70 13.31 10.05
C THR A 35 11.58 13.41 9.02
N LEU A 36 10.42 13.05 9.42
CA LEU A 36 9.33 13.06 8.45
C LEU A 36 8.72 14.46 8.33
N PRO A 37 8.17 14.79 7.17
CA PRO A 37 7.44 16.06 7.06
C PRO A 37 6.37 16.16 8.12
N LYS A 38 6.07 17.41 8.52
CA LYS A 38 5.15 17.65 9.61
C LYS A 38 3.83 16.90 9.42
N GLY A 39 3.46 16.12 10.43
CA GLY A 39 2.17 15.46 10.44
C GLY A 39 2.03 14.24 9.56
N ILE A 40 3.12 13.78 8.93
CA ILE A 40 3.08 12.65 8.00
C ILE A 40 3.49 11.38 8.76
N MET A 41 2.66 10.34 8.65
CA MET A 41 2.93 9.03 9.23
C MET A 41 4.05 8.27 8.50
N MET A 42 4.80 7.47 9.26
CA MET A 42 5.81 6.58 8.65
C MET A 42 5.21 5.74 7.53
N ASN A 43 4.04 5.15 7.75
N ASN A 43 4.02 5.16 7.76
CA ASN A 43 3.53 4.26 6.70
CA ASN A 43 3.42 4.28 6.76
C ASN A 43 3.12 5.02 5.44
C ASN A 43 3.15 5.03 5.47
N VAL A 44 2.70 6.29 5.56
CA VAL A 44 2.46 7.06 4.35
C VAL A 44 3.79 7.35 3.63
N ALA A 45 4.80 7.73 4.40
CA ALA A 45 6.09 8.02 3.80
C ALA A 45 6.68 6.80 3.13
N LYS A 46 6.54 5.65 3.80
CA LYS A 46 7.11 4.42 3.30
C LYS A 46 6.45 3.99 2.03
N TYR A 47 5.12 3.98 2.02
CA TYR A 47 4.43 3.60 0.79
C TYR A 47 4.67 4.61 -0.32
N THR A 48 4.77 5.89 0.03
CA THR A 48 5.08 6.87 -1.01
C THR A 48 6.42 6.58 -1.67
N GLN A 49 7.44 6.25 -0.89
CA GLN A 49 8.73 5.93 -1.49
C GLN A 49 8.68 4.64 -2.28
N LEU A 50 7.96 3.64 -1.79
CA LEU A 50 7.80 2.41 -2.58
C LEU A 50 7.17 2.70 -3.93
N CYS A 51 6.10 3.49 -3.95
CA CYS A 51 5.44 3.80 -5.20
C CYS A 51 6.32 4.66 -6.10
N GLN A 52 7.06 5.60 -5.52
CA GLN A 52 8.02 6.35 -6.32
C GLN A 52 9.00 5.42 -7.01
N TYR A 53 9.44 4.37 -6.32
CA TYR A 53 10.37 3.43 -6.95
C TYR A 53 9.67 2.60 -8.02
N LEU A 54 8.45 2.15 -7.74
CA LEU A 54 7.74 1.35 -8.72
C LEU A 54 7.47 2.13 -10.00
N ASN A 55 7.36 3.47 -9.89
CA ASN A 55 7.21 4.31 -11.08
C ASN A 55 8.37 4.15 -12.04
N THR A 56 9.51 3.66 -11.57
CA THR A 56 10.70 3.53 -12.41
C THR A 56 10.80 2.18 -13.08
N LEU A 57 9.87 1.26 -12.83
CA LEU A 57 9.90 -0.06 -13.41
C LEU A 57 8.91 -0.14 -14.57
N THR A 58 8.93 -1.26 -15.27
CA THR A 58 8.03 -1.48 -16.40
C THR A 58 6.75 -2.17 -15.99
N LEU A 59 6.07 -1.59 -15.02
CA LEU A 59 4.78 -2.14 -14.61
C LEU A 59 3.78 -2.07 -15.75
N ALA A 60 2.99 -3.12 -15.87
CA ALA A 60 1.80 -3.11 -16.72
C ALA A 60 0.66 -2.40 -16.00
N VAL A 61 0.03 -1.46 -16.70
CA VAL A 61 -1.01 -0.60 -16.13
C VAL A 61 -2.18 -0.60 -17.12
N PRO A 62 -3.01 -1.63 -17.09
CA PRO A 62 -4.16 -1.72 -18.00
C PRO A 62 -5.32 -0.85 -17.55
N TYR A 63 -6.28 -0.66 -18.47
CA TYR A 63 -7.61 -0.22 -18.05
C TYR A 63 -8.24 -1.35 -17.24
N ASN A 64 -9.14 -0.97 -16.32
N ASN A 64 -9.13 -0.97 -16.32
CA ASN A 64 -9.77 -1.94 -15.43
CA ASN A 64 -9.77 -1.96 -15.44
C ASN A 64 -8.71 -2.69 -14.62
C ASN A 64 -8.72 -2.70 -14.63
N MET A 65 -7.69 -1.97 -14.18
CA MET A 65 -6.63 -2.56 -13.37
C MET A 65 -7.19 -3.03 -12.04
N ARG A 66 -6.62 -4.14 -11.54
CA ARG A 66 -7.03 -4.79 -10.30
C ARG A 66 -5.81 -4.94 -9.41
N VAL A 67 -5.90 -4.43 -8.19
CA VAL A 67 -4.78 -4.46 -7.23
C VAL A 67 -5.28 -5.00 -5.91
N ILE A 68 -4.52 -5.88 -5.27
CA ILE A 68 -4.92 -6.39 -3.95
C ILE A 68 -3.78 -6.11 -2.97
N HIS A 69 -4.15 -5.69 -1.75
CA HIS A 69 -3.21 -5.18 -0.74
C HIS A 69 -3.43 -5.95 0.56
N PHE A 70 -2.49 -6.83 0.90
CA PHE A 70 -2.51 -7.62 2.13
C PHE A 70 -1.75 -6.94 3.25
N GLY A 71 -2.23 -7.14 4.47
CA GLY A 71 -1.59 -6.52 5.62
C GLY A 71 -1.79 -5.02 5.68
N ALA A 72 -2.96 -4.56 5.31
CA ALA A 72 -3.26 -3.15 5.14
C ALA A 72 -3.76 -2.44 6.39
N GLY A 73 -4.03 -3.16 7.47
CA GLY A 73 -4.51 -2.52 8.67
C GLY A 73 -3.38 -2.02 9.59
N SER A 74 -3.68 -1.08 10.45
CA SER A 74 -2.70 -0.57 11.41
C SER A 74 -3.25 -0.74 12.82
N ASP A 75 -2.36 -0.60 13.80
CA ASP A 75 -2.81 -0.56 15.19
C ASP A 75 -3.75 0.62 15.45
N LYS A 76 -3.77 1.60 14.52
N LYS A 76 -3.82 1.63 14.58
CA LYS A 76 -4.61 2.78 14.57
CA LYS A 76 -4.77 2.70 14.84
C LYS A 76 -6.03 2.51 14.09
C LYS A 76 -6.05 2.53 14.06
N GLY A 77 -6.27 1.37 13.45
CA GLY A 77 -7.56 1.08 12.87
C GLY A 77 -7.83 1.74 11.54
N VAL A 78 -6.80 2.31 10.88
CA VAL A 78 -6.96 2.90 9.55
C VAL A 78 -5.97 2.22 8.60
N ALA A 79 -5.90 2.68 7.36
CA ALA A 79 -5.14 2.01 6.30
C ALA A 79 -4.35 3.06 5.53
N PRO A 80 -3.26 3.55 6.11
CA PRO A 80 -2.46 4.57 5.43
C PRO A 80 -1.86 4.12 4.11
N GLY A 81 -1.35 2.89 4.07
CA GLY A 81 -0.81 2.35 2.84
C GLY A 81 -1.84 2.28 1.73
N THR A 82 -3.04 1.81 2.05
CA THR A 82 -4.10 1.77 1.06
C THR A 82 -4.38 3.17 0.54
N ALA A 83 -4.37 4.16 1.42
CA ALA A 83 -4.60 5.53 0.99
C ALA A 83 -3.53 5.99 0.00
N VAL A 84 -2.27 5.60 0.22
CA VAL A 84 -1.23 5.98 -0.73
C VAL A 84 -1.39 5.21 -2.04
N LEU A 85 -1.68 3.91 -1.98
CA LEU A 85 -1.86 3.16 -3.21
C LEU A 85 -2.98 3.74 -4.04
N ARG A 86 -4.05 4.16 -3.42
CA ARG A 86 -5.18 4.64 -4.20
C ARG A 86 -4.88 6.01 -4.79
N GLN A 87 -4.07 6.80 -4.09
CA GLN A 87 -3.57 8.05 -4.65
C GLN A 87 -2.69 7.79 -5.86
N TRP A 88 -1.80 6.81 -5.73
CA TRP A 88 -0.84 6.48 -6.79
C TRP A 88 -1.50 5.88 -8.01
N LEU A 89 -2.38 4.92 -7.81
CA LEU A 89 -2.97 4.16 -8.89
C LEU A 89 -3.94 5.03 -9.69
N PRO A 90 -4.12 4.74 -10.97
CA PRO A 90 -5.08 5.53 -11.76
C PRO A 90 -6.49 5.50 -11.15
N THR A 91 -7.17 6.63 -11.28
CA THR A 91 -8.55 6.69 -10.81
C THR A 91 -9.34 5.58 -11.48
N GLY A 92 -10.18 4.93 -10.68
CA GLY A 92 -10.96 3.81 -11.17
C GLY A 92 -10.31 2.47 -10.95
N THR A 93 -9.03 2.43 -10.61
CA THR A 93 -8.40 1.13 -10.37
C THR A 93 -9.14 0.42 -9.25
N LEU A 94 -9.46 -0.85 -9.46
CA LEU A 94 -10.13 -1.63 -8.41
C LEU A 94 -9.09 -2.03 -7.36
N LEU A 95 -9.32 -1.65 -6.10
CA LEU A 95 -8.36 -1.85 -5.02
C LEU A 95 -9.07 -2.61 -3.92
N VAL A 96 -8.57 -3.80 -3.59
CA VAL A 96 -9.07 -4.60 -2.49
C VAL A 96 -8.00 -4.68 -1.41
N ASP A 97 -8.38 -4.56 -0.15
CA ASP A 97 -7.36 -4.73 0.89
C ASP A 97 -7.86 -5.63 2.00
N SER A 98 -6.94 -6.02 2.88
CA SER A 98 -7.22 -7.09 3.83
C SER A 98 -6.23 -7.05 4.99
N ASP A 99 -6.67 -7.57 6.12
CA ASP A 99 -5.82 -7.64 7.31
C ASP A 99 -6.51 -8.59 8.28
N LEU A 100 -5.70 -9.19 9.16
CA LEU A 100 -6.21 -9.99 10.26
C LEU A 100 -7.15 -9.19 11.17
N ASN A 101 -6.82 -7.93 11.43
CA ASN A 101 -7.54 -7.10 12.39
C ASN A 101 -8.41 -6.06 11.70
N ASP A 102 -9.49 -5.65 12.37
N ASP A 102 -9.46 -5.64 12.41
CA ASP A 102 -10.43 -4.73 11.74
CA ASP A 102 -10.42 -4.65 11.90
C ASP A 102 -9.78 -3.36 11.54
C ASP A 102 -9.73 -3.35 11.55
N PHE A 103 -10.19 -2.70 10.47
CA PHE A 103 -9.68 -1.36 10.15
C PHE A 103 -10.65 -0.74 9.16
N VAL A 104 -10.61 0.58 9.06
CA VAL A 104 -11.44 1.28 8.08
C VAL A 104 -10.53 1.78 6.96
N SER A 105 -11.02 1.69 5.73
CA SER A 105 -10.19 1.75 4.55
C SER A 105 -10.86 2.55 3.46
N ASP A 106 -10.05 3.11 2.57
CA ASP A 106 -10.49 3.73 1.33
C ASP A 106 -10.55 2.76 0.15
N ALA A 107 -10.20 1.51 0.36
CA ALA A 107 -10.28 0.53 -0.71
C ALA A 107 -11.74 0.30 -1.15
N ASP A 108 -11.89 -0.21 -2.36
CA ASP A 108 -13.21 -0.54 -2.85
C ASP A 108 -13.84 -1.67 -2.05
N SER A 109 -13.04 -2.59 -1.55
CA SER A 109 -13.57 -3.62 -0.68
C SER A 109 -12.48 -4.05 0.25
N THR A 110 -12.87 -4.46 1.45
CA THR A 110 -11.95 -4.83 2.51
C THR A 110 -12.39 -6.15 3.11
N LEU A 111 -11.47 -7.10 3.28
CA LEU A 111 -11.79 -8.38 3.92
C LEU A 111 -10.99 -8.48 5.20
N ILE A 112 -11.66 -8.79 6.31
CA ILE A 112 -11.00 -8.91 7.62
C ILE A 112 -10.88 -10.40 7.95
N GLY A 113 -9.66 -10.85 8.20
CA GLY A 113 -9.41 -12.23 8.52
C GLY A 113 -8.00 -12.62 8.13
N ASP A 114 -7.62 -13.83 8.52
CA ASP A 114 -6.33 -14.37 8.11
C ASP A 114 -6.24 -14.42 6.59
N CYS A 115 -5.10 -14.05 6.04
CA CYS A 115 -5.02 -13.98 4.59
C CYS A 115 -5.35 -15.32 3.97
N ALA A 116 -5.08 -16.40 4.70
CA ALA A 116 -5.33 -17.73 4.14
C ALA A 116 -6.80 -17.97 3.86
N THR A 117 -7.69 -17.20 4.48
CA THR A 117 -9.11 -17.34 4.24
C THR A 117 -9.59 -16.63 2.97
N VAL A 118 -8.72 -15.87 2.31
CA VAL A 118 -9.11 -14.99 1.20
C VAL A 118 -9.05 -15.75 -0.10
N HIS A 119 -10.15 -15.66 -0.88
CA HIS A 119 -10.23 -16.26 -2.20
C HIS A 119 -10.77 -15.23 -3.18
N THR A 120 -10.33 -15.34 -4.42
CA THR A 120 -10.78 -14.42 -5.45
C THR A 120 -11.03 -15.23 -6.70
N ALA A 121 -12.10 -14.87 -7.40
CA ALA A 121 -12.42 -15.55 -8.65
C ALA A 121 -11.46 -15.08 -9.74
N ASN A 122 -11.08 -13.83 -9.68
CA ASN A 122 -10.31 -13.17 -10.72
C ASN A 122 -8.82 -13.18 -10.43
N LYS A 123 -8.04 -12.83 -11.46
CA LYS A 123 -6.61 -12.59 -11.33
C LYS A 123 -6.36 -11.11 -11.11
N TRP A 124 -5.12 -10.79 -10.72
CA TRP A 124 -4.75 -9.45 -10.29
C TRP A 124 -3.55 -8.96 -11.08
N ASP A 125 -3.47 -7.65 -11.25
CA ASP A 125 -2.36 -7.05 -11.98
C ASP A 125 -1.22 -6.63 -11.07
N LEU A 126 -1.48 -6.45 -9.80
CA LEU A 126 -0.49 -6.03 -8.82
C LEU A 126 -0.91 -6.55 -7.46
N ILE A 127 0.04 -7.14 -6.74
CA ILE A 127 -0.16 -7.62 -5.38
C ILE A 127 0.84 -6.90 -4.48
N ILE A 128 0.35 -6.23 -3.45
CA ILE A 128 1.17 -5.57 -2.44
C ILE A 128 0.93 -6.25 -1.10
N SER A 129 1.99 -6.58 -0.36
CA SER A 129 1.82 -7.12 0.98
C SER A 129 2.72 -6.40 1.96
N ASP A 130 2.14 -5.94 3.07
CA ASP A 130 2.92 -5.47 4.21
C ASP A 130 2.72 -6.36 5.43
N MET A 131 2.29 -7.60 5.20
CA MET A 131 1.95 -8.51 6.29
C MET A 131 3.25 -8.76 7.06
N TYR A 132 3.15 -8.81 8.37
CA TYR A 132 4.32 -8.89 9.23
C TYR A 132 3.86 -9.31 10.62
N ASP A 133 4.61 -10.20 11.23
CA ASP A 133 4.39 -10.59 12.63
C ASP A 133 5.62 -10.24 13.46
N PRO A 134 5.59 -9.23 14.32
CA PRO A 134 6.84 -8.83 15.02
C PRO A 134 7.38 -9.90 15.94
N LYS A 135 6.60 -10.94 16.24
CA LYS A 135 7.15 -12.07 16.96
C LYS A 135 8.21 -12.84 16.18
N THR A 136 8.41 -12.56 14.89
CA THR A 136 9.50 -13.22 14.19
C THR A 136 10.85 -12.65 14.55
N LYS A 137 10.90 -11.43 15.08
CA LYS A 137 12.17 -10.78 15.38
C LYS A 137 12.71 -11.34 16.70
N ASN A 138 13.19 -12.57 16.62
CA ASN A 138 13.80 -13.24 17.76
C ASN A 138 15.27 -13.49 17.47
N VAL A 139 16.12 -12.58 17.97
CA VAL A 139 17.55 -12.68 17.76
C VAL A 139 18.21 -13.80 18.54
N THR A 140 17.51 -14.43 19.48
CA THR A 140 18.10 -15.52 20.24
C THR A 140 17.94 -16.88 19.57
N LYS A 141 17.21 -16.97 18.46
CA LYS A 141 16.96 -18.26 17.83
C LYS A 141 17.40 -18.24 16.37
N GLU A 142 17.58 -19.43 15.82
CA GLU A 142 17.98 -19.57 14.43
C GLU A 142 16.98 -18.87 13.53
N ASN A 143 17.49 -18.34 12.42
CA ASN A 143 16.66 -17.56 11.48
C ASN A 143 16.38 -18.43 10.27
N ASP A 144 15.31 -19.22 10.35
CA ASP A 144 14.93 -20.12 9.29
C ASP A 144 13.86 -19.49 8.41
N SER A 145 13.67 -20.06 7.24
CA SER A 145 12.64 -19.60 6.32
C SER A 145 11.29 -19.78 6.98
N LYS A 146 10.45 -18.77 6.88
CA LYS A 146 9.15 -18.76 7.56
C LYS A 146 8.06 -19.21 6.58
N GLU A 147 7.02 -19.79 7.14
N GLU A 147 7.02 -19.81 7.12
CA GLU A 147 5.90 -20.28 6.34
CA GLU A 147 5.90 -20.26 6.29
C GLU A 147 4.73 -19.33 6.54
C GLU A 147 4.72 -19.32 6.54
N GLY A 148 3.66 -19.80 7.19
CA GLY A 148 2.56 -18.91 7.52
C GLY A 148 2.05 -18.16 6.32
N PHE A 149 1.91 -16.82 6.46
CA PHE A 149 1.35 -16.06 5.34
C PHE A 149 2.23 -16.07 4.11
N PHE A 150 3.52 -16.39 4.23
CA PHE A 150 4.35 -16.48 3.03
C PHE A 150 3.95 -17.67 2.17
N THR A 151 3.56 -18.76 2.83
CA THR A 151 3.07 -19.90 2.06
C THR A 151 1.84 -19.51 1.27
N TYR A 152 0.93 -18.77 1.90
CA TYR A 152 -0.25 -18.30 1.18
C TYR A 152 0.15 -17.41 0.02
N ILE A 153 1.05 -16.45 0.25
CA ILE A 153 1.43 -15.50 -0.80
C ILE A 153 2.03 -16.21 -2.00
N CYS A 154 2.91 -17.20 -1.77
CA CYS A 154 3.49 -17.92 -2.90
C CYS A 154 2.40 -18.61 -3.73
N GLY A 155 1.46 -19.30 -3.07
CA GLY A 155 0.39 -19.92 -3.83
C GLY A 155 -0.50 -18.90 -4.51
N PHE A 156 -0.79 -17.81 -3.82
CA PHE A 156 -1.66 -16.79 -4.40
C PHE A 156 -1.05 -16.21 -5.66
N ILE A 157 0.25 -15.94 -5.63
CA ILE A 157 0.90 -15.42 -6.82
C ILE A 157 0.77 -16.41 -7.97
N GLN A 158 1.09 -17.67 -7.70
CA GLN A 158 1.10 -18.66 -8.76
C GLN A 158 -0.30 -18.92 -9.31
N GLN A 159 -1.31 -18.80 -8.49
CA GLN A 159 -2.67 -19.06 -8.95
C GLN A 159 -3.38 -17.83 -9.48
N LYS A 160 -3.10 -16.65 -8.96
CA LYS A 160 -3.97 -15.52 -9.19
C LYS A 160 -3.28 -14.25 -9.68
N LEU A 161 -1.97 -14.27 -9.89
CA LEU A 161 -1.31 -13.12 -10.50
C LEU A 161 -1.36 -13.24 -12.02
N ALA A 162 -1.91 -12.23 -12.67
CA ALA A 162 -1.93 -12.24 -14.12
C ALA A 162 -0.50 -12.27 -14.65
N LEU A 163 -0.31 -12.95 -15.78
CA LEU A 163 0.97 -12.81 -16.48
C LEU A 163 1.16 -11.36 -16.86
N GLY A 164 2.40 -10.89 -16.69
CA GLY A 164 2.71 -9.48 -16.84
C GLY A 164 2.54 -8.68 -15.55
N GLY A 165 1.88 -9.24 -14.55
CA GLY A 165 1.65 -8.49 -13.33
C GLY A 165 2.91 -8.41 -12.47
N SER A 166 2.81 -7.65 -11.37
CA SER A 166 3.97 -7.45 -10.50
C SER A 166 3.56 -7.56 -9.05
N VAL A 167 4.56 -7.69 -8.17
CA VAL A 167 4.31 -7.78 -6.74
C VAL A 167 5.36 -6.99 -5.98
N ALA A 168 4.99 -6.60 -4.78
CA ALA A 168 5.90 -5.99 -3.81
C ALA A 168 5.49 -6.56 -2.45
N ILE A 169 6.36 -7.40 -1.88
CA ILE A 169 6.06 -8.16 -0.68
C ILE A 169 7.07 -7.77 0.38
N LYS A 170 6.59 -7.29 1.53
CA LYS A 170 7.53 -6.84 2.56
C LYS A 170 8.19 -8.02 3.26
N ILE A 171 9.50 -7.92 3.45
CA ILE A 171 10.29 -8.88 4.20
C ILE A 171 11.15 -8.09 5.18
N THR A 172 11.76 -8.82 6.10
CA THR A 172 12.73 -8.29 7.04
C THR A 172 13.83 -9.35 7.20
N GLU A 173 14.79 -9.07 8.09
CA GLU A 173 15.80 -10.08 8.40
C GLU A 173 15.16 -11.40 8.77
N HIS A 174 14.18 -11.37 9.68
CA HIS A 174 13.55 -12.60 10.16
C HIS A 174 12.23 -12.93 9.49
N SER A 175 11.59 -11.98 8.83
CA SER A 175 10.34 -12.28 8.13
C SER A 175 10.62 -12.46 6.64
N TRP A 176 10.82 -13.71 6.26
CA TRP A 176 11.18 -14.04 4.88
C TRP A 176 10.87 -15.49 4.62
N ASN A 177 10.94 -15.85 3.34
CA ASN A 177 10.57 -17.18 2.87
C ASN A 177 11.41 -17.53 1.64
N ALA A 178 12.01 -18.71 1.65
CA ALA A 178 12.90 -19.10 0.55
C ALA A 178 12.16 -19.31 -0.77
N ASP A 179 10.96 -19.92 -0.72
N ASP A 179 10.96 -19.88 -0.70
CA ASP A 179 10.22 -20.10 -1.98
CA ASP A 179 10.19 -20.11 -1.92
C ASP A 179 9.82 -18.77 -2.60
C ASP A 179 9.75 -18.81 -2.57
N LEU A 180 9.60 -17.74 -1.78
CA LEU A 180 9.23 -16.45 -2.34
C LEU A 180 10.40 -15.86 -3.12
N TYR A 181 11.62 -15.97 -2.59
CA TYR A 181 12.77 -15.59 -3.39
C TYR A 181 12.86 -16.46 -4.65
N LYS A 182 12.58 -17.75 -4.54
CA LYS A 182 12.70 -18.59 -5.71
C LYS A 182 11.68 -18.16 -6.77
N LEU A 183 10.51 -17.73 -6.32
CA LEU A 183 9.48 -17.27 -7.25
C LEU A 183 9.84 -15.94 -7.93
N MET A 184 10.72 -15.15 -7.31
CA MET A 184 11.21 -13.96 -8.01
C MET A 184 11.86 -14.32 -9.34
N GLY A 185 12.40 -15.54 -9.46
CA GLY A 185 12.96 -15.97 -10.74
C GLY A 185 11.92 -16.29 -11.80
N HIS A 186 10.63 -16.18 -11.47
CA HIS A 186 9.54 -16.36 -12.42
C HIS A 186 9.05 -15.03 -12.97
N PHE A 187 9.75 -13.97 -12.68
CA PHE A 187 9.45 -12.65 -13.19
C PHE A 187 10.56 -12.23 -14.14
N ALA A 188 10.25 -11.28 -15.01
CA ALA A 188 11.28 -10.81 -15.94
C ALA A 188 12.43 -10.13 -15.22
N TRP A 189 12.16 -9.58 -14.04
CA TRP A 189 13.15 -8.87 -13.26
C TRP A 189 12.66 -8.84 -11.82
N TRP A 190 13.60 -8.65 -10.88
CA TRP A 190 13.23 -8.59 -9.46
C TRP A 190 14.29 -7.81 -8.71
N THR A 191 13.91 -7.33 -7.55
CA THR A 191 14.87 -6.74 -6.65
C THR A 191 14.34 -6.77 -5.22
N ALA A 192 15.18 -6.32 -4.30
CA ALA A 192 14.81 -6.04 -2.91
C ALA A 192 15.06 -4.56 -2.71
N PHE A 193 13.99 -3.82 -2.41
CA PHE A 193 14.00 -2.36 -2.35
C PHE A 193 13.83 -1.91 -0.92
N VAL A 194 14.75 -1.04 -0.48
CA VAL A 194 14.72 -0.46 0.86
C VAL A 194 14.31 0.99 0.76
N THR A 195 13.26 1.39 1.50
CA THR A 195 12.87 2.79 1.47
C THR A 195 13.89 3.62 2.25
N ASN A 196 14.12 4.85 1.76
CA ASN A 196 15.08 5.70 2.46
C ASN A 196 14.55 6.18 3.81
N VAL A 197 13.22 6.31 3.96
CA VAL A 197 12.73 6.71 5.28
C VAL A 197 12.88 5.63 6.34
N ASN A 198 13.00 4.36 5.95
CA ASN A 198 13.08 3.25 6.92
C ASN A 198 14.37 2.46 6.77
N ALA A 199 15.42 3.13 6.29
CA ALA A 199 16.67 2.49 5.96
C ALA A 199 17.42 1.94 7.16
N SER A 200 17.05 2.34 8.37
CA SER A 200 17.61 1.82 9.61
C SER A 200 17.07 0.46 9.96
N SER A 201 16.12 -0.06 9.20
CA SER A 201 15.48 -1.33 9.45
C SER A 201 15.93 -2.33 8.38
N SER A 202 15.95 -3.61 8.72
CA SER A 202 16.23 -4.67 7.77
C SER A 202 15.04 -4.95 6.85
N GLU A 203 13.94 -4.25 7.04
CA GLU A 203 12.85 -4.31 6.07
C GLU A 203 13.33 -4.08 4.64
N ALA A 204 12.70 -4.80 3.72
CA ALA A 204 12.73 -4.45 2.31
C ALA A 204 11.42 -4.93 1.69
N PHE A 205 11.14 -4.42 0.50
CA PHE A 205 10.08 -4.94 -0.35
C PHE A 205 10.72 -5.79 -1.43
N LEU A 206 10.39 -7.08 -1.46
CA LEU A 206 10.80 -7.97 -2.53
C LEU A 206 9.87 -7.71 -3.70
N ILE A 207 10.41 -7.25 -4.82
CA ILE A 207 9.61 -6.78 -5.95
C ILE A 207 9.84 -7.72 -7.11
N GLY A 208 8.76 -8.30 -7.62
CA GLY A 208 8.78 -9.08 -8.84
C GLY A 208 8.13 -8.28 -9.93
N CYS A 209 8.85 -8.04 -11.03
CA CYS A 209 8.42 -7.14 -12.10
C CYS A 209 8.13 -7.97 -13.36
N ASN A 210 6.85 -8.04 -13.73
CA ASN A 210 6.34 -8.71 -14.94
C ASN A 210 6.42 -10.23 -14.85
N TYR A 211 5.34 -10.82 -14.35
CA TYR A 211 5.28 -12.25 -14.09
C TYR A 211 5.19 -13.05 -15.38
N LEU A 212 6.00 -14.08 -15.46
CA LEU A 212 6.09 -14.93 -16.63
C LEU A 212 5.44 -16.29 -16.44
N GLY A 213 5.05 -16.68 -15.23
CA GLY A 213 4.38 -17.95 -15.02
C GLY A 213 5.27 -19.17 -15.10
N LYS A 214 6.57 -18.99 -15.23
CA LYS A 214 7.52 -20.09 -15.32
C LYS A 214 8.87 -19.54 -14.94
N PRO A 215 9.81 -20.40 -14.55
CA PRO A 215 11.12 -19.90 -14.15
C PRO A 215 11.92 -19.41 -15.34
N ARG A 216 12.37 -18.18 -15.24
N ARG A 216 12.36 -18.18 -15.25
CA ARG A 216 13.38 -17.64 -16.14
CA ARG A 216 13.38 -17.64 -16.14
C ARG A 216 14.77 -17.90 -15.59
C ARG A 216 14.76 -17.89 -15.58
N GLU A 217 14.85 -18.10 -14.28
CA GLU A 217 16.09 -18.24 -13.54
C GLU A 217 15.79 -19.11 -12.33
N GLN A 218 16.70 -20.03 -12.01
CA GLN A 218 16.55 -20.86 -10.82
C GLN A 218 17.28 -20.15 -9.68
N ILE A 219 16.52 -19.77 -8.65
CA ILE A 219 17.05 -19.03 -7.51
C ILE A 219 16.93 -19.92 -6.27
N ASP A 220 18.02 -20.07 -5.54
CA ASP A 220 18.02 -20.69 -4.23
C ASP A 220 17.71 -19.60 -3.21
N GLY A 221 16.53 -19.68 -2.59
CA GLY A 221 16.07 -18.60 -1.75
C GLY A 221 16.79 -18.48 -0.43
N TYR A 222 17.33 -19.60 0.09
CA TYR A 222 18.15 -19.51 1.31
C TYR A 222 19.40 -18.70 1.04
N VAL A 223 20.06 -18.98 -0.08
CA VAL A 223 21.24 -18.20 -0.47
C VAL A 223 20.85 -16.75 -0.78
N MET A 224 19.73 -16.54 -1.49
CA MET A 224 19.43 -15.17 -1.88
C MET A 224 19.13 -14.32 -0.66
N HIS A 225 18.49 -14.89 0.36
CA HIS A 225 18.27 -14.08 1.54
C HIS A 225 19.58 -13.75 2.25
N ALA A 226 20.50 -14.72 2.27
CA ALA A 226 21.83 -14.44 2.81
C ALA A 226 22.51 -13.35 2.03
N ASN A 227 22.37 -13.38 0.70
CA ASN A 227 22.92 -12.32 -0.14
C ASN A 227 22.31 -10.96 0.20
N TYR A 228 20.98 -10.92 0.41
CA TYR A 228 20.31 -9.68 0.81
C TYR A 228 20.85 -9.16 2.14
N ILE A 229 21.00 -10.04 3.11
CA ILE A 229 21.51 -9.59 4.40
C ILE A 229 22.95 -9.12 4.29
N PHE A 230 23.76 -9.83 3.52
CA PHE A 230 25.13 -9.37 3.29
C PHE A 230 25.15 -7.95 2.72
N TRP A 231 24.30 -7.68 1.72
CA TRP A 231 24.20 -6.34 1.17
C TRP A 231 23.86 -5.33 2.25
N ARG A 232 22.80 -5.60 3.02
CA ARG A 232 22.40 -4.66 4.08
C ARG A 232 23.51 -4.48 5.10
N ASN A 233 24.19 -5.57 5.46
CA ASN A 233 25.23 -5.52 6.49
C ASN A 233 26.41 -4.69 6.07
N THR A 234 26.68 -4.58 4.76
CA THR A 234 27.88 -3.93 4.28
C THR A 234 27.61 -2.61 3.60
N ASN A 235 26.35 -2.19 3.48
CA ASN A 235 26.02 -0.97 2.76
C ASN A 235 25.08 -0.13 3.59
N PRO A 236 25.61 0.63 4.54
CA PRO A 236 24.75 1.55 5.30
C PRO A 236 24.03 2.48 4.36
N ILE A 237 22.76 2.70 4.64
CA ILE A 237 21.92 3.57 3.83
C ILE A 237 21.56 4.76 4.71
N GLN A 238 21.87 5.96 4.22
CA GLN A 238 21.54 7.19 4.89
C GLN A 238 20.04 7.37 4.96
N LEU A 239 19.51 7.54 6.16
CA LEU A 239 18.10 7.86 6.26
C LEU A 239 17.79 9.14 5.52
N SER A 240 16.70 9.15 4.76
CA SER A 240 16.36 10.31 3.97
C SER A 240 14.87 10.38 3.73
N SER A 241 14.32 11.58 3.87
CA SER A 241 12.94 11.86 3.48
C SER A 241 12.86 12.77 2.26
N TYR A 242 14.00 13.03 1.60
N TYR A 242 13.99 13.07 1.61
CA TYR A 242 14.07 14.05 0.56
CA TYR A 242 13.98 14.08 0.55
C TYR A 242 13.03 13.85 -0.55
C TYR A 242 12.90 13.84 -0.49
N SER A 243 12.82 12.60 -0.99
CA SER A 243 11.94 12.38 -2.14
C SER A 243 10.48 12.65 -1.82
N LEU A 244 10.11 12.72 -0.54
CA LEU A 244 8.72 12.99 -0.17
C LEU A 244 8.30 14.39 -0.53
N PHE A 245 9.26 15.28 -0.71
CA PHE A 245 8.96 16.68 -0.96
C PHE A 245 8.74 16.99 -2.43
N ASP A 246 8.86 16.02 -3.34
CA ASP A 246 8.55 16.25 -4.75
C ASP A 246 7.57 15.21 -5.25
N MET A 247 6.31 15.59 -5.28
CA MET A 247 5.21 14.72 -5.59
C MET A 247 4.68 15.00 -6.99
N SER A 248 5.37 15.84 -7.77
CA SER A 248 4.84 16.30 -9.05
C SER A 248 4.67 15.17 -10.04
N LYS A 249 5.54 14.18 -10.02
CA LYS A 249 5.44 13.08 -10.96
C LYS A 249 5.00 11.78 -10.26
N PHE A 250 4.26 11.90 -9.15
CA PHE A 250 3.93 10.71 -8.38
C PHE A 250 2.93 9.79 -9.06
N PRO A 251 1.83 10.28 -9.63
CA PRO A 251 0.79 9.38 -10.13
C PRO A 251 1.33 8.36 -11.13
N LEU A 252 0.91 7.12 -10.95
CA LEU A 252 1.22 6.09 -11.93
C LEU A 252 0.52 6.39 -13.25
N LYS A 253 1.29 6.38 -14.34
CA LYS A 253 0.71 6.65 -15.65
C LYS A 253 -0.18 5.52 -16.09
N LEU A 254 -1.37 5.88 -16.55
CA LEU A 254 -2.31 4.90 -17.10
C LEU A 254 -1.84 4.56 -18.51
N ARG A 255 -1.09 3.47 -18.63
CA ARG A 255 -0.50 3.10 -19.91
C ARG A 255 -1.52 2.44 -20.83
N GLY A 256 -2.67 2.03 -20.31
CA GLY A 256 -3.64 1.34 -21.14
C GLY A 256 -3.12 0.03 -21.65
N THR A 257 -2.22 -0.60 -20.89
CA THR A 257 -1.61 -1.86 -21.31
C THR A 257 -2.67 -2.84 -21.78
N ALA A 258 -2.33 -3.59 -22.83
CA ALA A 258 -3.27 -4.54 -23.40
C ALA A 258 -3.51 -5.72 -22.46
N VAL A 259 -4.77 -6.17 -22.40
CA VAL A 259 -5.16 -7.38 -21.69
C VAL A 259 -5.72 -8.38 -22.68
N MET A 260 -5.17 -9.57 -22.70
CA MET A 260 -5.70 -10.66 -23.51
C MET A 260 -5.87 -11.89 -22.66
N SER A 261 -6.83 -12.70 -23.07
CA SER A 261 -7.05 -14.00 -22.47
C SER A 261 -6.40 -15.02 -23.40
N LEU A 262 -5.48 -15.79 -22.87
CA LEU A 262 -4.73 -16.76 -23.67
C LEU A 262 -4.65 -18.06 -22.89
N LYS A 263 -4.63 -19.17 -23.61
CA LYS A 263 -4.40 -20.46 -23.00
C LYS A 263 -2.91 -20.77 -23.07
N GLU A 264 -2.45 -21.63 -22.16
CA GLU A 264 -1.02 -21.80 -21.97
C GLU A 264 -0.30 -22.19 -23.27
N GLY A 265 -0.98 -22.89 -24.17
CA GLY A 265 -0.36 -23.26 -25.44
C GLY A 265 -0.02 -22.10 -26.35
N GLN A 266 -0.69 -20.95 -26.17
CA GLN A 266 -0.46 -19.82 -27.06
C GLN A 266 0.61 -18.86 -26.54
N ILE A 267 1.25 -19.16 -25.42
CA ILE A 267 2.23 -18.25 -24.84
C ILE A 267 3.59 -18.63 -25.42
N ASN A 268 3.92 -17.97 -26.52
CA ASN A 268 5.15 -18.15 -27.26
C ASN A 268 6.18 -17.09 -26.88
N ASP A 269 7.35 -17.18 -27.50
CA ASP A 269 8.46 -16.29 -27.16
C ASP A 269 8.10 -14.82 -27.43
N MET A 270 7.26 -14.57 -28.43
CA MET A 270 6.83 -13.19 -28.68
C MET A 270 5.95 -12.67 -27.55
N ILE A 271 4.98 -13.47 -27.13
CA ILE A 271 4.15 -13.10 -25.99
C ILE A 271 5.04 -12.88 -24.76
N LEU A 272 5.91 -13.85 -24.49
CA LEU A 272 6.82 -13.74 -23.35
C LEU A 272 7.65 -12.47 -23.42
N SER A 273 8.02 -12.06 -24.63
CA SER A 273 8.79 -10.83 -24.76
C SER A 273 7.93 -9.61 -24.42
N LEU A 274 6.67 -9.61 -24.86
CA LEU A 274 5.79 -8.49 -24.54
C LEU A 274 5.51 -8.43 -23.04
N LEU A 275 5.30 -9.60 -22.43
CA LEU A 275 5.09 -9.66 -20.99
C LEU A 275 6.27 -9.07 -20.24
N SER A 276 7.47 -9.44 -20.67
CA SER A 276 8.71 -9.02 -20.05
C SER A 276 8.97 -7.54 -20.16
N LYS A 277 8.33 -6.85 -21.10
CA LYS A 277 8.55 -5.42 -21.29
C LYS A 277 7.46 -4.56 -20.69
N GLY A 278 6.55 -5.16 -19.94
CA GLY A 278 5.46 -4.36 -19.39
C GLY A 278 4.40 -3.98 -20.40
N ARG A 279 4.32 -4.69 -21.51
CA ARG A 279 3.43 -4.31 -22.60
C ARG A 279 2.21 -5.22 -22.74
N LEU A 280 2.03 -6.19 -21.84
CA LEU A 280 0.90 -7.09 -21.99
C LEU A 280 0.51 -7.68 -20.64
N ILE A 281 -0.79 -7.83 -20.42
CA ILE A 281 -1.34 -8.57 -19.29
C ILE A 281 -2.16 -9.73 -19.82
N ILE A 282 -2.02 -10.91 -19.23
CA ILE A 282 -2.82 -12.05 -19.66
C ILE A 282 -3.68 -12.52 -18.50
N ARG A 283 -5.00 -12.38 -18.67
CA ARG A 283 -6.00 -12.82 -17.70
C ARG A 283 -7.38 -12.56 -18.31
N GLU A 284 -8.39 -13.19 -17.75
N GLU A 284 -8.39 -13.17 -17.70
CA GLU A 284 -9.75 -12.82 -18.13
CA GLU A 284 -9.78 -12.81 -17.97
C GLU A 284 -10.03 -11.41 -17.62
C GLU A 284 -10.01 -11.35 -17.61
N ASN A 285 -10.97 -10.74 -18.29
CA ASN A 285 -11.41 -9.39 -17.95
C ASN A 285 -12.82 -9.41 -17.35
N ASN A 286 -13.10 -10.43 -16.55
CA ASN A 286 -14.42 -10.63 -15.97
C ASN A 286 -14.60 -9.72 -14.74
N ARG A 287 -15.68 -9.94 -14.02
CA ARG A 287 -15.98 -9.18 -12.81
C ARG A 287 -15.02 -9.59 -11.69
N VAL A 288 -14.76 -8.68 -10.79
CA VAL A 288 -13.91 -8.96 -9.63
C VAL A 288 -14.79 -9.41 -8.48
N VAL A 289 -14.58 -10.64 -8.02
CA VAL A 289 -15.37 -11.24 -6.97
C VAL A 289 -14.42 -11.85 -5.95
N ILE A 290 -14.61 -11.51 -4.68
CA ILE A 290 -13.74 -11.96 -3.62
C ILE A 290 -14.58 -12.54 -2.49
N SER A 291 -13.92 -13.30 -1.61
CA SER A 291 -14.59 -13.78 -0.40
C SER A 291 -13.58 -14.12 0.68
N SER A 292 -14.07 -14.24 1.89
CA SER A 292 -13.25 -14.71 3.01
C SER A 292 -13.97 -15.87 3.69
N ASP A 293 -13.27 -16.99 3.82
CA ASP A 293 -13.80 -18.15 4.54
C ASP A 293 -13.96 -17.80 6.01
N VAL A 294 -15.13 -18.14 6.56
CA VAL A 294 -15.45 -17.91 7.97
C VAL A 294 -15.67 -19.26 8.66
N LEU A 295 -14.95 -19.47 9.74
CA LEU A 295 -15.10 -20.66 10.55
C LEU A 295 -16.26 -20.46 11.48
N VAL A 296 -17.19 -21.41 11.51
CA VAL A 296 -18.38 -21.30 12.34
C VAL A 296 -18.25 -22.26 13.50
N ASN A 297 -18.51 -21.73 14.70
CA ASN A 297 -18.51 -22.47 15.95
C ASN A 297 -19.63 -21.97 16.84
N ASN A 298 -20.23 -22.91 17.57
CA ASN A 298 -21.24 -22.63 18.59
C ASN A 298 -20.66 -23.08 19.92
N GLU A 299 -20.36 -22.10 20.79
CA GLU A 299 -19.68 -22.31 22.06
C GLU A 299 -20.62 -22.70 23.21
N ASN A 300 -21.95 -22.68 23.00
CA ASN A 300 -22.92 -22.92 24.08
C ASN A 300 -22.95 -24.36 24.58
N CYS B 18 -37.31 3.07 14.21
CA CYS B 18 -36.40 3.35 15.32
C CYS B 18 -36.53 4.80 15.80
N ALA B 19 -37.53 5.07 16.66
CA ALA B 19 -37.63 6.38 17.30
C ALA B 19 -36.33 6.75 18.03
N PHE B 20 -35.60 5.75 18.54
CA PHE B 20 -34.26 5.96 19.08
C PHE B 20 -33.19 5.64 18.06
N ALA B 21 -32.24 6.57 17.91
CA ALA B 21 -31.05 6.42 17.08
C ALA B 21 -29.96 7.23 17.73
N VAL B 22 -28.77 6.64 17.86
CA VAL B 22 -27.66 7.39 18.41
C VAL B 22 -27.34 8.57 17.50
N ASP B 23 -27.12 9.74 18.12
CA ASP B 23 -26.72 10.94 17.38
C ASP B 23 -25.22 11.18 17.61
N ALA B 24 -24.41 10.50 16.81
CA ALA B 24 -22.97 10.56 17.01
C ALA B 24 -22.43 11.96 16.72
N ALA B 25 -22.99 12.61 15.70
CA ALA B 25 -22.58 13.97 15.36
C ALA B 25 -22.74 14.90 16.55
N LYS B 26 -23.92 14.91 17.16
CA LYS B 26 -24.12 15.77 18.32
C LYS B 26 -23.17 15.40 19.45
N ALA B 27 -22.94 14.11 19.66
CA ALA B 27 -22.04 13.69 20.72
C ALA B 27 -20.62 14.23 20.49
N TYR B 28 -20.14 14.18 19.25
CA TYR B 28 -18.77 14.64 19.01
C TYR B 28 -18.68 16.15 19.14
N LYS B 29 -19.64 16.88 18.56
CA LYS B 29 -19.68 18.33 18.74
C LYS B 29 -19.70 18.70 20.23
N ASP B 30 -20.58 18.05 21.01
CA ASP B 30 -20.64 18.35 22.44
C ASP B 30 -19.34 18.02 23.12
N TYR B 31 -18.74 16.89 22.73
CA TYR B 31 -17.46 16.48 23.29
C TYR B 31 -16.38 17.52 23.01
N LEU B 32 -16.32 18.02 21.77
CA LEU B 32 -15.32 19.02 21.43
C LEU B 32 -15.54 20.30 22.22
N ALA B 33 -16.79 20.75 22.28
CA ALA B 33 -17.10 21.96 23.03
C ALA B 33 -16.74 21.81 24.50
N SER B 34 -16.83 20.61 25.04
CA SER B 34 -16.42 20.38 26.43
C SER B 34 -14.92 20.26 26.58
N GLY B 35 -14.16 20.55 25.54
CA GLY B 35 -12.71 20.45 25.62
C GLY B 35 -12.11 19.09 25.34
N GLY B 36 -12.85 18.19 24.69
CA GLY B 36 -12.29 16.89 24.36
C GLY B 36 -11.28 16.96 23.22
N GLN B 37 -10.31 16.05 23.27
CA GLN B 37 -9.26 16.00 22.22
C GLN B 37 -9.84 15.50 20.90
N PRO B 38 -9.59 16.18 19.79
CA PRO B 38 -10.11 15.71 18.50
C PRO B 38 -9.63 14.31 18.14
N ILE B 39 -10.44 13.62 17.35
CA ILE B 39 -10.05 12.36 16.79
C ILE B 39 -8.73 12.52 16.04
N THR B 40 -7.81 11.60 16.29
CA THR B 40 -6.49 11.56 15.70
C THR B 40 -6.35 10.41 14.69
N ASN B 41 -5.15 10.30 14.14
CA ASN B 41 -4.78 9.26 13.18
C ASN B 41 -5.57 9.39 11.90
N CYS B 42 -6.08 10.59 11.59
CA CYS B 42 -6.48 10.85 10.21
C CYS B 42 -5.26 10.78 9.32
N VAL B 43 -5.42 10.23 8.12
CA VAL B 43 -4.29 9.85 7.28
C VAL B 43 -3.97 11.01 6.36
N LYS B 44 -2.92 11.77 6.68
CA LYS B 44 -2.56 12.90 5.82
C LYS B 44 -1.67 12.44 4.68
N MET B 45 -1.95 12.94 3.49
CA MET B 45 -1.24 12.52 2.29
C MET B 45 -0.14 13.51 1.94
N LEU B 46 0.90 12.99 1.30
CA LEU B 46 1.90 13.83 0.65
C LEU B 46 1.34 14.29 -0.70
N CYS B 47 1.51 15.57 -1.01
CA CYS B 47 1.03 16.06 -2.30
C CYS B 47 1.73 17.37 -2.60
N THR B 48 1.45 17.91 -3.80
CA THR B 48 2.12 19.12 -4.26
C THR B 48 1.61 20.36 -3.57
N HIS B 49 0.38 20.32 -3.07
CA HIS B 49 -0.31 21.48 -2.54
C HIS B 49 -0.45 22.57 -3.61
N THR B 50 -0.59 22.14 -4.87
CA THR B 50 -0.91 23.01 -6.00
C THR B 50 -2.18 22.54 -6.69
N GLY B 51 -3.10 21.94 -5.93
CA GLY B 51 -4.32 21.40 -6.49
C GLY B 51 -5.44 22.42 -6.54
N THR B 52 -6.63 21.92 -6.88
CA THR B 52 -7.77 22.78 -7.13
C THR B 52 -8.37 23.36 -5.87
N GLY B 53 -8.13 22.77 -4.71
CA GLY B 53 -8.74 23.23 -3.49
C GLY B 53 -10.17 22.79 -3.26
N GLN B 54 -10.74 22.02 -4.18
CA GLN B 54 -12.07 21.49 -3.92
C GLN B 54 -12.04 20.57 -2.70
N ALA B 55 -13.24 20.35 -2.14
CA ALA B 55 -13.37 19.75 -0.81
C ALA B 55 -13.11 18.24 -0.82
N ILE B 56 -13.74 17.51 -1.73
CA ILE B 56 -13.71 16.05 -1.74
C ILE B 56 -13.45 15.59 -3.17
N THR B 57 -12.32 14.92 -3.38
CA THR B 57 -11.84 14.68 -4.72
C THR B 57 -11.35 13.25 -4.85
N VAL B 58 -11.16 12.80 -6.09
CA VAL B 58 -10.75 11.42 -6.31
C VAL B 58 -9.27 11.19 -6.08
N THR B 59 -8.50 12.27 -5.97
CA THR B 59 -7.07 12.25 -5.68
C THR B 59 -6.78 13.52 -4.89
N PRO B 60 -5.69 13.57 -4.12
CA PRO B 60 -5.44 14.75 -3.31
C PRO B 60 -5.39 16.03 -4.14
N GLU B 61 -6.07 17.06 -3.66
CA GLU B 61 -6.18 18.33 -4.38
C GLU B 61 -5.91 19.53 -3.49
N ALA B 62 -5.20 19.34 -2.37
CA ALA B 62 -4.87 20.47 -1.51
C ALA B 62 -4.20 21.58 -2.30
N ASN B 63 -4.60 22.82 -2.02
CA ASN B 63 -3.83 23.98 -2.45
C ASN B 63 -2.89 24.38 -1.32
N MET B 64 -2.29 25.57 -1.44
CA MET B 64 -1.27 26.01 -0.49
C MET B 64 -1.85 26.21 0.91
N ASP B 65 -3.18 26.34 1.01
CA ASP B 65 -3.87 26.62 2.25
C ASP B 65 -4.48 25.39 2.90
N GLN B 66 -4.23 24.20 2.36
CA GLN B 66 -4.93 23.01 2.80
C GLN B 66 -3.99 21.84 2.98
N GLU B 67 -4.46 20.85 3.75
CA GLU B 67 -3.91 19.50 3.75
C GLU B 67 -4.95 18.55 3.14
N SER B 68 -4.45 17.52 2.48
CA SER B 68 -5.28 16.46 1.94
C SER B 68 -5.18 15.22 2.83
N PHE B 69 -6.32 14.56 3.07
CA PHE B 69 -6.38 13.39 3.92
C PHE B 69 -7.14 12.27 3.21
N GLY B 70 -6.79 11.03 3.53
CA GLY B 70 -7.63 9.93 3.06
C GLY B 70 -9.00 10.07 3.69
N GLY B 71 -10.04 9.89 2.86
CA GLY B 71 -11.39 10.25 3.29
C GLY B 71 -11.95 9.42 4.43
N ALA B 72 -11.85 8.09 4.33
CA ALA B 72 -12.41 7.24 5.38
C ALA B 72 -11.91 7.63 6.76
N SER B 73 -10.61 7.94 6.87
CA SER B 73 -10.04 8.24 8.17
C SER B 73 -10.56 9.56 8.76
N CYS B 74 -11.23 10.37 7.93
CA CYS B 74 -11.77 11.65 8.36
C CYS B 74 -13.29 11.63 8.54
N CYS B 75 -13.90 10.46 8.47
CA CYS B 75 -15.35 10.34 8.52
C CYS B 75 -15.73 9.84 9.89
N LEU B 76 -16.57 10.60 10.58
CA LEU B 76 -17.00 10.23 11.92
C LEU B 76 -17.63 8.85 11.93
N TYR B 77 -18.47 8.54 10.96
CA TYR B 77 -19.20 7.28 10.98
C TYR B 77 -18.27 6.10 10.69
N CYS B 78 -17.42 6.24 9.68
CA CYS B 78 -16.38 5.25 9.45
C CYS B 78 -15.55 5.01 10.69
N ARG B 79 -15.03 6.08 11.31
CA ARG B 79 -14.07 5.91 12.39
C ARG B 79 -14.72 5.35 13.64
N CYS B 80 -16.00 5.63 13.85
CA CYS B 80 -16.69 5.20 15.06
C CYS B 80 -17.38 3.86 14.86
N HIS B 81 -17.34 3.32 13.65
CA HIS B 81 -17.93 2.02 13.31
C HIS B 81 -19.43 2.07 13.55
N ILE B 82 -20.08 3.06 12.92
CA ILE B 82 -21.51 3.23 13.07
C ILE B 82 -22.11 3.53 11.71
N ASP B 83 -23.43 3.38 11.63
CA ASP B 83 -24.08 3.50 10.35
C ASP B 83 -24.02 4.94 9.86
N HIS B 84 -23.95 5.09 8.57
CA HIS B 84 -23.96 6.42 8.00
C HIS B 84 -25.41 6.91 7.92
N PRO B 85 -25.63 8.22 8.07
CA PRO B 85 -27.02 8.72 8.05
C PRO B 85 -27.70 8.63 6.68
N ASN B 86 -26.95 8.63 5.58
CA ASN B 86 -27.56 8.35 4.28
C ASN B 86 -28.42 7.09 4.38
N PRO B 87 -29.70 7.14 3.96
CA PRO B 87 -30.54 5.93 4.07
C PRO B 87 -29.97 4.67 3.46
N LYS B 88 -29.20 4.76 2.37
CA LYS B 88 -28.53 3.61 1.79
C LYS B 88 -27.16 3.34 2.43
N GLY B 89 -26.80 4.10 3.47
CA GLY B 89 -25.55 3.91 4.17
C GLY B 89 -24.31 4.29 3.39
N PHE B 90 -24.45 5.07 2.30
N PHE B 90 -24.43 5.02 2.28
CA PHE B 90 -23.34 5.54 1.48
CA PHE B 90 -23.24 5.39 1.54
C PHE B 90 -22.48 6.55 2.24
C PHE B 90 -22.46 6.47 2.28
N CYS B 91 -21.18 6.55 1.94
CA CYS B 91 -20.24 7.49 2.56
C CYS B 91 -19.71 8.47 1.52
N ASP B 92 -19.79 9.76 1.84
CA ASP B 92 -19.28 10.79 0.95
C ASP B 92 -17.77 10.81 0.87
N LEU B 93 -17.08 10.25 1.85
CA LEU B 93 -15.62 10.46 1.97
C LEU B 93 -14.79 9.23 1.67
N LYS B 94 -15.26 8.05 2.07
CA LYS B 94 -14.51 6.82 1.89
C LYS B 94 -14.16 6.63 0.43
N GLY B 95 -12.90 6.30 0.16
CA GLY B 95 -12.44 6.09 -1.19
C GLY B 95 -12.07 7.35 -1.92
N LYS B 96 -12.20 8.51 -1.29
CA LYS B 96 -11.81 9.80 -1.84
C LYS B 96 -10.81 10.46 -0.89
N TYR B 97 -10.43 11.69 -1.24
CA TYR B 97 -9.53 12.52 -0.45
C TYR B 97 -10.28 13.78 -0.09
N VAL B 98 -10.10 14.22 1.15
CA VAL B 98 -10.77 15.42 1.64
C VAL B 98 -9.69 16.47 1.90
N GLN B 99 -9.95 17.68 1.42
CA GLN B 99 -9.06 18.81 1.64
C GLN B 99 -9.54 19.59 2.86
N ILE B 100 -8.63 19.84 3.79
CA ILE B 100 -8.96 20.48 5.06
C ILE B 100 -8.10 21.72 5.16
N PRO B 101 -8.68 22.90 5.44
CA PRO B 101 -7.85 24.08 5.71
C PRO B 101 -6.78 23.76 6.71
N THR B 102 -5.55 24.23 6.44
CA THR B 102 -4.44 23.94 7.34
C THR B 102 -4.73 24.43 8.76
N THR B 103 -5.48 25.52 8.89
CA THR B 103 -5.83 26.03 10.20
C THR B 103 -6.80 25.12 10.96
N CYS B 104 -7.51 24.23 10.28
CA CYS B 104 -8.43 23.29 10.92
C CYS B 104 -7.94 21.85 10.90
N ALA B 105 -6.70 21.63 10.44
CA ALA B 105 -6.25 20.25 10.23
C ALA B 105 -5.96 19.53 11.54
N ASN B 106 -6.01 20.21 12.67
CA ASN B 106 -5.95 19.48 13.95
C ASN B 106 -7.20 18.63 14.20
N ASP B 107 -8.29 18.86 13.47
CA ASP B 107 -9.54 18.12 13.71
C ASP B 107 -10.26 17.91 12.38
N PRO B 108 -9.73 17.05 11.52
CA PRO B 108 -10.40 16.85 10.24
C PRO B 108 -11.80 16.28 10.38
N VAL B 109 -12.03 15.37 11.34
CA VAL B 109 -13.35 14.79 11.50
C VAL B 109 -14.36 15.88 11.87
N GLY B 110 -14.00 16.71 12.86
CA GLY B 110 -14.85 17.83 13.20
C GLY B 110 -15.11 18.73 12.01
N PHE B 111 -14.08 19.01 11.22
CA PHE B 111 -14.27 19.91 10.10
C PHE B 111 -15.26 19.36 9.10
N THR B 112 -15.08 18.10 8.69
CA THR B 112 -15.97 17.53 7.69
C THR B 112 -17.38 17.43 8.24
N LEU B 113 -17.49 17.15 9.53
CA LEU B 113 -18.81 17.01 10.13
C LEU B 113 -19.53 18.34 10.18
N LYS B 114 -18.82 19.42 10.54
CA LYS B 114 -19.46 20.71 10.75
C LYS B 114 -19.66 21.50 9.46
N ASN B 115 -19.10 21.11 8.34
CA ASN B 115 -19.10 21.99 7.19
C ASN B 115 -19.79 21.36 5.99
N THR B 116 -19.96 22.17 4.95
CA THR B 116 -20.76 21.78 3.82
C THR B 116 -20.08 22.15 2.51
N VAL B 117 -20.20 21.26 1.54
CA VAL B 117 -19.60 21.45 0.23
C VAL B 117 -20.61 22.14 -0.68
N CYS B 118 -20.17 23.18 -1.38
CA CYS B 118 -21.00 23.78 -2.42
C CYS B 118 -21.26 22.82 -3.57
N THR B 119 -22.53 22.54 -3.82
CA THR B 119 -22.93 21.66 -4.92
C THR B 119 -22.60 22.25 -6.29
N VAL B 120 -22.21 23.52 -6.36
CA VAL B 120 -21.94 24.16 -7.65
C VAL B 120 -20.45 24.12 -7.99
N CYS B 121 -19.62 24.68 -7.13
CA CYS B 121 -18.20 24.78 -7.43
C CYS B 121 -17.38 23.69 -6.75
N GLY B 122 -17.97 22.91 -5.85
CA GLY B 122 -17.27 21.84 -5.17
C GLY B 122 -16.33 22.27 -4.05
N MET B 123 -16.34 23.55 -3.67
CA MET B 123 -15.51 24.00 -2.56
C MET B 123 -16.31 23.99 -1.28
N TRP B 124 -15.60 24.04 -0.16
CA TRP B 124 -16.26 24.15 1.13
C TRP B 124 -16.96 25.49 1.21
N LYS B 125 -18.24 25.47 1.52
CA LYS B 125 -18.93 26.70 1.90
C LYS B 125 -18.13 27.36 3.01
N GLY B 126 -17.67 28.58 2.76
CA GLY B 126 -16.95 29.32 3.76
C GLY B 126 -15.46 29.13 3.74
N TYR B 127 -14.96 28.21 2.93
CA TYR B 127 -13.53 27.92 2.90
C TYR B 127 -13.10 27.65 1.48
N GLY B 128 -13.59 28.46 0.55
CA GLY B 128 -13.20 28.34 -0.83
C GLY B 128 -14.34 28.72 -1.76
N CYS B 129 -15.57 28.51 -1.33
CA CYS B 129 -16.69 28.82 -2.21
C CYS B 129 -16.83 30.33 -2.36
N SER B 130 -16.89 30.82 -3.61
CA SER B 130 -17.04 32.24 -3.92
C SER B 130 -18.28 32.48 -4.76
N CYS B 131 -19.26 31.59 -4.65
CA CYS B 131 -20.44 31.67 -5.51
C CYS B 131 -21.36 32.83 -5.12
N ASP B 132 -21.33 33.24 -3.86
CA ASP B 132 -22.11 34.40 -3.39
C ASP B 132 -21.29 35.68 -3.64
N GLN B 133 -21.11 35.99 -4.92
CA GLN B 133 -20.17 37.02 -5.36
C GLN B 133 -20.23 37.15 -6.88
O5' ADN C . 2.13 -6.36 11.00
O5' ADN C . 1.65 -4.27 9.79
C5' ADN C . 1.74 -5.94 9.69
C5' ADN C . 1.55 -5.70 9.65
C4' ADN C . 0.27 -6.22 9.39
C4' ADN C . 0.11 -6.15 9.46
O4' ADN C . 0.19 -7.59 8.92
O4' ADN C . 0.14 -7.52 9.04
C3' ADN C . -0.62 -6.17 10.64
C3' ADN C . -0.65 -6.18 10.82
O3' ADN C . -1.75 -5.34 10.32
O3' ADN C . -1.81 -5.36 10.66
C2' ADN C . -1.11 -7.62 10.80
C2' ADN C . -1.12 -7.65 10.93
O2' ADN C . -2.45 -7.69 11.26
O2' ADN C . -2.46 -7.74 11.40
C1' ADN C . -1.03 -8.12 9.37
C1' ADN C . -1.04 -8.12 9.49
N9 ADN C . -0.91 -9.58 9.31
N9 ADN C . -0.87 -9.58 9.42
C8 ADN C . 0.05 -10.36 9.89
C8 ADN C . 0.09 -10.35 10.02
N7 ADN C . -0.11 -11.65 9.69
N7 ADN C . -0.05 -11.63 9.81
C5 ADN C . -1.28 -11.72 8.93
C5 ADN C . -1.18 -11.72 9.02
C6 ADN C . -1.99 -12.80 8.38
C6 ADN C . -1.87 -12.82 8.46
N6 ADN C . -1.65 -14.09 8.53
N6 ADN C . -1.50 -14.10 8.60
N1 ADN C . -3.11 -12.51 7.67
N1 ADN C . -2.98 -12.56 7.72
C2 ADN C . -3.47 -11.23 7.53
C2 ADN C . -3.36 -11.29 7.58
N3 ADN C . -2.88 -10.13 8.00
N3 ADN C . -2.80 -10.18 8.06
C4 ADN C . -1.77 -10.44 8.68
C4 ADN C . -1.71 -10.46 8.77
HO5' ADN C . 2.64 -7.03 10.90
HO5' ADN C . 2.37 -4.04 9.39
H5'1 ADN C . 2.28 -6.43 9.04
H5'1 ADN C . 1.90 -6.10 10.45
H5'2 ADN C . 1.90 -4.99 9.60
H5'2 ADN C . 2.06 -5.98 8.88
H4' ADN C . -0.07 -5.61 8.71
H4' ADN C . -0.36 -5.60 8.82
H3' ADN C . -0.13 -5.88 11.43
H3' ADN C . -0.08 -5.94 11.55
HO3' ADN C . -2.35 -5.50 10.90
HO3' ADN C . -2.41 -5.70 11.13
H2' ADN C . -0.51 -8.13 11.36
H2' ADN C . -0.51 -8.16 11.49
HO2' ADN C . -2.57 -8.48 11.58
HO2' ADN C . -2.59 -8.55 11.62
H1' ADN C . -1.76 -7.81 8.83
H1' ADN C . -1.79 -7.84 8.95
H8 ADN C . 0.77 -10.01 10.38
H8 ADN C . 0.77 -9.98 10.53
HN61 ADN C . -2.09 -14.70 8.12
HN61 ADN C . -1.96 -14.72 8.23
HN62 ADN C . -0.97 -14.30 9.00
HN62 ADN C . -0.79 -14.29 9.05
H2 ADN C . -4.24 -11.10 7.03
H2 ADN C . -4.12 -11.15 7.07
C1 EDO D . 1.86 -0.93 -24.23
O1 EDO D . 1.85 0.31 -23.49
C2 EDO D . 0.58 -1.67 -23.86
O2 EDO D . 0.37 -2.93 -24.52
H11 EDO D . 2.73 -1.51 -23.96
H12 EDO D . 1.89 -0.73 -25.30
HO1 EDO D . 2.73 0.72 -23.55
H21 EDO D . -0.27 -1.02 -24.10
H22 EDO D . 0.58 -1.84 -22.79
HO2 EDO D . -0.58 -3.12 -24.55
C1 EDO E . 9.10 2.94 -17.07
O1 EDO E . 9.60 4.05 -16.32
C2 EDO E . 10.15 2.44 -18.04
O2 EDO E . 11.32 2.01 -17.32
H11 EDO E . 8.21 3.24 -17.62
H12 EDO E . 8.81 2.13 -16.38
HO1 EDO E . 8.99 4.25 -15.59
H21 EDO E . 10.42 3.22 -18.73
H22 EDO E . 9.75 1.60 -18.62
HO2 EDO E . 12.01 1.72 -17.94
C1 EDO F . 5.69 7.85 -13.74
O1 EDO F . 5.03 8.79 -12.85
C2 EDO F . 5.03 6.46 -13.68
O2 EDO F . 3.92 6.42 -14.56
H11 EDO F . 6.74 7.77 -13.44
H12 EDO F . 5.66 8.23 -14.75
HO1 EDO F . 5.46 9.65 -12.92
H21 EDO F . 4.71 6.24 -12.66
H22 EDO F . 5.76 5.70 -13.99
HO2 EDO F . 3.71 5.51 -14.78
C1 EDO G . 5.43 -0.16 -20.37
O1 EDO G . 5.14 -0.47 -18.99
C2 EDO G . 6.94 0.01 -20.53
O2 EDO G . 7.39 0.99 -19.60
H11 EDO G . 4.93 0.76 -20.66
H12 EDO G . 5.07 -0.97 -21.02
HO1 EDO G . 4.18 -0.58 -18.89
H21 EDO G . 7.45 -0.94 -20.34
H22 EDO G . 7.18 0.31 -21.56
HO2 EDO G . 8.22 0.71 -19.19
C1 EDO H . 12.92 4.44 -15.33
O1 EDO H . 13.89 3.51 -14.79
C2 EDO H . 12.88 5.76 -14.53
O2 EDO H . 11.55 6.32 -14.55
H11 EDO H . 11.94 3.99 -15.32
H12 EDO H . 13.18 4.68 -16.37
HO1 EDO H . 13.88 2.70 -15.32
H21 EDO H . 13.59 6.47 -14.96
H22 EDO H . 13.19 5.57 -13.51
HO2 EDO H . 11.55 7.16 -14.06
C1 EDO I . 1.47 -22.46 7.86
O1 EDO I . 2.79 -22.27 8.38
C2 EDO I . 1.47 -22.64 6.34
O2 EDO I . 2.22 -23.80 5.93
H11 EDO I . 0.86 -21.59 8.12
H12 EDO I . 1.02 -23.34 8.33
HO1 EDO I . 2.75 -22.20 9.34
H21 EDO I . 1.88 -21.75 5.87
H22 EDO I . 0.44 -22.75 5.99
HO2 EDO I . 2.13 -23.93 4.98
C1 EDO J . 7.75 -17.16 13.68
O1 EDO J . 6.72 -17.54 12.72
C2 EDO J . 8.57 -18.35 14.18
O2 EDO J . 8.84 -19.32 13.16
H11 EDO J . 7.27 -16.67 14.53
H12 EDO J . 8.43 -16.44 13.20
HO1 EDO J . 6.25 -16.74 12.45
H21 EDO J . 8.02 -18.84 15.00
H22 EDO J . 9.52 -17.99 14.58
HO2 EDO J . 9.49 -19.96 13.48
C1 EDO K . -13.89 -2.82 8.03
O1 EDO K . -13.72 -2.12 6.78
C2 EDO K . -14.97 -3.88 7.89
O2 EDO K . -14.80 -4.58 6.64
H11 EDO K . -14.17 -2.12 8.82
H12 EDO K . -12.95 -3.28 8.31
HO1 EDO K . -13.18 -1.35 6.92
H21 EDO K . -15.96 -3.42 7.94
H22 EDO K . -14.90 -4.60 8.73
HO2 EDO K . -15.53 -5.20 6.51
C1 EDO L . -10.19 -9.84 14.87
O1 EDO L . -8.79 -9.89 15.24
C2 EDO L . -10.59 -8.45 14.35
O2 EDO L . -9.96 -7.38 15.10
H11 EDO L . -10.79 -10.09 15.74
H12 EDO L . -10.38 -10.58 14.10
HO1 EDO L . -8.57 -10.80 15.51
H21 EDO L . -11.68 -8.34 14.43
H22 EDO L . -10.32 -8.36 13.29
HO2 EDO L . -10.33 -6.53 14.82
C1 EDO M . 25.00 6.29 6.65
O1 EDO M . 25.58 6.28 5.34
C2 EDO M . 24.82 7.75 7.09
O2 EDO M . 23.86 7.85 8.15
H11 EDO M . 25.63 5.77 7.36
H12 EDO M . 24.03 5.80 6.64
HO1 EDO M . 25.51 5.40 4.97
H21 EDO M . 24.49 8.34 6.24
H22 EDO M . 25.77 8.14 7.43
HO2 EDO M . 23.67 8.79 8.33
C1 EDO N . 12.94 -0.59 13.08
O1 EDO N . 11.64 -0.36 12.47
C2 EDO N . 13.93 0.58 12.95
O2 EDO N . 15.25 0.22 13.47
H11 EDO N . 13.39 -1.48 12.63
H12 EDO N . 12.79 -0.79 14.14
HO1 EDO N . 11.12 -1.16 12.51
H21 EDO N . 13.56 1.43 13.49
H22 EDO N . 14.03 0.85 11.90
HO2 EDO N . 15.83 1.00 13.43
C1 EDO O . 4.39 6.87 12.75
O1 EDO O . 4.95 8.03 12.12
C2 EDO O . 2.87 6.85 12.53
O2 EDO O . 2.22 7.97 13.17
H11 EDO O . 4.61 6.88 13.81
H12 EDO O . 4.83 5.96 12.32
HO1 EDO O . 5.89 8.09 12.34
H21 EDO O . 2.46 5.92 12.94
H22 EDO O . 2.65 6.87 11.47
HO2 EDO O . 1.28 7.97 12.96
C1 EDO P . 22.11 -20.25 4.10
O1 EDO P . 23.17 -19.58 4.78
C2 EDO P . 22.59 -20.67 2.72
O2 EDO P . 23.42 -19.62 2.20
H11 EDO P . 21.25 -19.59 4.01
H12 EDO P . 21.80 -21.14 4.67
HO1 EDO P . 22.93 -19.47 5.72
H21 EDO P . 21.73 -20.83 2.06
H22 EDO P . 23.15 -21.61 2.78
HO2 EDO P . 23.89 -19.94 1.42
C1 EDO Q . 13.11 -13.61 -20.30
O1 EDO Q . 12.26 -12.51 -19.87
C2 EDO Q . 12.28 -14.85 -20.61
O2 EDO Q . 13.08 -16.02 -20.45
H11 EDO Q . 13.83 -13.83 -19.51
H12 EDO Q . 13.66 -13.30 -21.18
HO1 EDO Q . 12.81 -11.76 -19.61
H21 EDO Q . 11.91 -14.79 -21.64
H22 EDO Q . 11.41 -14.90 -19.95
HO2 EDO Q . 12.54 -16.81 -20.58
C1 EDO R . 14.02 -7.33 -18.40
O1 EDO R . 13.09 -6.61 -17.57
C2 EDO R . 15.42 -7.24 -17.80
O2 EDO R . 15.75 -5.86 -17.53
H11 EDO R . 14.02 -6.91 -19.41
H12 EDO R . 13.71 -8.37 -18.47
HO1 EDO R . 12.20 -6.67 -17.94
H21 EDO R . 16.16 -7.66 -18.49
H22 EDO R . 15.47 -7.81 -16.87
HO2 EDO R . 16.59 -5.81 -17.07
C1 EDO S . -14.81 -10.15 5.52
O1 EDO S . -14.47 -9.09 6.42
C2 EDO S . -14.93 -11.50 6.24
O2 EDO S . -15.90 -11.50 7.29
H11 EDO S . -14.05 -10.22 4.75
H12 EDO S . -15.76 -9.91 5.03
HO1 EDO S . -14.60 -8.24 5.98
H21 EDO S . -13.96 -11.76 6.65
H22 EDO S . -15.21 -12.26 5.50
HO2 EDO S . -15.94 -12.38 7.69
C1 EDO T . -6.03 8.34 -14.00
O1 EDO T . -6.30 8.96 -12.72
C2 EDO T . -7.28 7.70 -14.63
O2 EDO T . -7.97 8.67 -15.43
H11 EDO T . -5.27 7.57 -13.86
H12 EDO T . -5.64 9.09 -14.68
HO1 EDO T . -5.47 9.28 -12.34
H21 EDO T . -7.94 7.32 -13.84
H22 EDO T . -6.99 6.85 -15.25
HO2 EDO T . -8.80 8.29 -15.76
C1 EDO U . -3.90 -21.84 2.54
O1 EDO U . -4.94 -21.03 1.96
C2 EDO U . -2.49 -21.34 2.16
O2 EDO U . -1.68 -21.15 3.33
H11 EDO U . -4.00 -22.88 2.20
H12 EDO U . -4.01 -21.83 3.62
HO1 EDO U . -5.80 -21.32 2.30
H21 EDO U . -2.58 -20.40 1.62
H22 EDO U . -2.02 -22.07 1.50
HO2 EDO U . -0.79 -20.85 3.07
C1 EDO V . -2.55 -22.31 -1.64
O1 EDO V . -1.46 -22.12 -0.73
C2 EDO V . -3.35 -21.01 -1.81
O2 EDO V . -2.47 -19.90 -1.57
H11 EDO V . -3.21 -23.09 -1.26
H12 EDO V . -2.17 -22.62 -2.61
HO1 EDO V . -0.93 -22.94 -0.67
H21 EDO V . -4.18 -20.98 -1.11
H22 EDO V . -3.77 -20.95 -2.82
HO2 EDO V . -2.95 -19.07 -1.70
C1 EDO W . 19.87 -12.31 -10.37
O1 EDO W . 18.76 -13.04 -9.86
C2 EDO W . 21.19 -13.03 -10.11
O2 EDO W . 20.99 -14.44 -10.22
H11 EDO W . 19.91 -11.33 -9.91
H12 EDO W . 19.75 -12.18 -11.45
HO1 EDO W . 18.00 -12.90 -10.44
H21 EDO W . 21.56 -12.78 -9.12
H22 EDO W . 21.94 -12.71 -10.84
HO2 EDO W . 21.74 -14.90 -9.84
C1 EDO X . -7.70 2.18 -14.24
O1 EDO X . -7.26 0.88 -14.68
C2 EDO X . -9.21 2.23 -14.32
O2 EDO X . -9.58 1.48 -15.49
H11 EDO X . -7.26 2.95 -14.87
H12 EDO X . -7.37 2.36 -13.21
HO1 EDO X . -6.30 0.87 -14.75
H21 EDO X . -9.66 1.79 -13.43
H22 EDO X . -9.57 3.26 -14.40
HO2 EDO X . -10.54 1.47 -15.57
C1 EDO Y . 5.94 -15.24 9.35
O1 EDO Y . 5.26 -14.32 10.20
C2 EDO Y . 4.91 -15.87 8.44
O2 EDO Y . 3.72 -16.11 9.20
H11 EDO Y . 6.70 -14.72 8.75
H12 EDO Y . 6.44 -16.01 9.95
HO1 EDO Y . 5.89 -13.95 10.85
H21 EDO Y . 4.69 -15.20 7.61
H22 EDO Y . 5.29 -16.81 8.05
HO2 EDO Y . 3.00 -16.34 8.61
O1 MES Z . 11.94 -2.17 -15.02
C2 MES Z . 12.42 -3.48 -15.20
C3 MES Z . 13.83 -3.62 -14.65
N4 MES Z . 14.71 -2.54 -15.05
C5 MES Z . 14.16 -1.20 -14.81
C6 MES Z . 12.82 -1.15 -15.56
C7 MES Z . 16.04 -2.85 -14.51
C8 MES Z . 17.05 -1.79 -14.93
S MES Z . 18.60 -2.17 -14.40
O1S MES Z . 19.11 -3.30 -15.23
O2S MES Z . 19.39 -0.92 -14.57
O3S MES Z . 18.67 -2.60 -12.98
H21 MES Z . 12.43 -3.72 -16.26
H22 MES Z . 11.76 -4.18 -14.69
H31 MES Z . 13.78 -3.65 -13.56
H32 MES Z . 14.24 -4.57 -14.99
HN4 MES Z . 14.80 -2.47 -16.06
H51 MES Z . 14.84 -0.43 -15.19
H52 MES Z . 14.03 -1.03 -13.75
H61 MES Z . 12.97 -1.32 -16.62
H62 MES Z . 12.36 -0.17 -15.43
H71 MES Z . 15.99 -2.89 -13.42
H72 MES Z . 16.36 -3.83 -14.87
H81 MES Z . 16.76 -0.83 -14.51
H82 MES Z . 17.06 -1.71 -16.02
C1 EDO AA . -14.89 -16.13 -5.35
O1 EDO AA . -14.58 -16.23 -3.96
C2 EDO AA . -14.24 -17.34 -5.97
O2 EDO AA . -13.31 -17.82 -4.98
H11 EDO AA . -15.98 -16.14 -5.51
H12 EDO AA . -14.51 -15.20 -5.78
HO1 EDO AA . -14.99 -15.50 -3.49
H21 EDO AA . -14.97 -18.11 -6.21
H22 EDO AA . -13.72 -17.07 -6.89
HO2 EDO AA . -12.79 -18.55 -5.36
C1 EDO BA . 10.06 -3.05 9.64
O1 EDO BA . 10.51 -1.73 10.08
C2 EDO BA . 8.92 -3.68 10.43
O2 EDO BA . 7.73 -2.89 10.31
H11 EDO BA . 9.75 -2.96 8.60
H12 EDO BA . 10.92 -3.72 9.68
HO1 EDO BA . 11.39 -1.56 9.74
H21 EDO BA . 8.73 -4.69 10.05
H22 EDO BA . 9.20 -3.77 11.48
HO2 EDO BA . 7.03 -3.28 10.83
C1 EDO CA . 20.00 -13.41 13.85
O1 EDO CA . 19.35 -12.19 14.26
C2 EDO CA . 19.57 -14.59 14.73
O2 EDO CA . 18.22 -14.95 14.39
H11 EDO CA . 19.76 -13.62 12.80
H12 EDO CA . 21.09 -13.28 13.92
HO1 EDO CA . 19.63 -11.46 13.69
H21 EDO CA . 20.23 -15.44 14.57
H22 EDO CA . 19.62 -14.31 15.77
HO2 EDO CA . 17.89 -15.60 15.04
C1 EDO DA . 22.56 -16.78 11.21
O1 EDO DA . 23.40 -16.93 12.39
C2 EDO DA . 21.05 -16.84 11.49
O2 EDO DA . 20.54 -18.18 11.71
H11 EDO DA . 22.79 -15.82 10.74
H12 EDO DA . 22.82 -17.57 10.50
HO1 EDO DA . 24.33 -16.83 12.14
H21 EDO DA . 20.83 -16.24 12.38
H22 EDO DA . 20.53 -16.40 10.65
HO2 EDO DA . 19.71 -18.29 11.21
C1 EDO EA . 16.24 13.52 5.94
O1 EDO EA . 15.66 14.81 5.76
C2 EDO EA . 15.58 12.84 7.15
O2 EDO EA . 16.55 12.49 8.13
H11 EDO EA . 17.31 13.60 6.11
H12 EDO EA . 16.08 12.92 5.05
HO1 EDO EA . 15.80 15.11 4.85
H21 EDO EA . 14.85 13.51 7.59
H22 EDO EA . 15.05 11.94 6.82
HO2 EDO EA . 16.11 12.11 8.91
C1 EDO FA . 13.20 -5.23 12.05
O1 EDO FA . 13.94 -6.46 12.13
C2 EDO FA . 14.17 -4.04 12.18
O2 EDO FA . 15.50 -4.24 11.61
H11 EDO FA . 12.66 -5.17 11.10
H12 EDO FA . 12.46 -5.19 12.85
HO1 EDO FA . 13.33 -7.20 12.07
H21 EDO FA . 14.27 -3.80 13.24
H22 EDO FA . 13.71 -3.17 11.69
HO2 EDO FA . 16.07 -3.49 11.83
C1 EDO GA . 8.67 19.52 11.42
O1 EDO GA . 8.41 20.18 10.18
C2 EDO GA . 9.87 18.61 11.23
O2 EDO GA . 9.59 17.77 10.10
H11 EDO GA . 7.79 18.95 11.72
H12 EDO GA . 8.87 20.26 12.20
HO1 EDO GA . 7.48 20.43 10.13
H21 EDO GA . 10.77 19.20 11.07
H22 EDO GA . 10.02 18.01 12.13
HO2 EDO GA . 10.37 17.27 9.87
C1 EDO HA . -6.29 -18.78 -4.12
O1 EDO HA . -5.61 -19.14 -2.91
C2 EDO HA . -7.24 -17.63 -3.80
O2 EDO HA . -8.43 -17.69 -4.60
H11 EDO HA . -6.86 -19.63 -4.51
H12 EDO HA . -5.57 -18.46 -4.88
HO1 EDO HA . -5.44 -20.10 -2.91
H21 EDO HA . -6.73 -16.68 -3.96
H22 EDO HA . -7.52 -17.68 -2.73
HO2 EDO HA . -9.21 -17.52 -4.05
C1 EDO IA . 7.34 -21.61 -5.86
O1 EDO IA . 6.74 -22.56 -4.96
C2 EDO IA . 8.68 -22.12 -6.36
O2 EDO IA . 8.54 -22.66 -7.69
H11 EDO IA . 7.48 -20.65 -5.34
H12 EDO IA . 6.66 -21.43 -6.70
HO1 EDO IA . 5.89 -22.22 -4.64
H21 EDO IA . 9.40 -21.31 -6.38
H22 EDO IA . 9.06 -22.90 -5.69
HO2 EDO IA . 9.41 -22.93 -8.02
C1 EDO JA . 15.23 0.78 -11.64
O1 EDO JA . 15.15 2.06 -10.98
C2 EDO JA . 16.42 -0.04 -11.13
O2 EDO JA . 16.50 -0.05 -9.69
H11 EDO JA . 14.31 0.22 -11.48
H12 EDO JA . 15.35 0.94 -12.71
HO1 EDO JA . 14.42 2.56 -11.36
H21 EDO JA . 16.33 -1.07 -11.49
H22 EDO JA . 17.34 0.37 -11.54
HO2 EDO JA . 17.28 -0.54 -9.41
C1 EDO KA . -10.74 -20.07 9.39
O1 EDO KA . -10.55 -21.26 10.16
C2 EDO KA . -11.50 -20.46 8.13
O2 EDO KA . -10.78 -21.49 7.42
H11 EDO KA . -11.30 -19.33 9.95
H12 EDO KA . -9.78 -19.63 9.11
HO1 EDO KA . -10.05 -21.04 10.95
H21 EDO KA . -12.50 -20.83 8.41
H22 EDO KA . -11.64 -19.59 7.49
HO2 EDO KA . -11.19 -21.63 6.56
CL CL LA . 20.69 -18.08 -6.12
C1 EDO MA . -0.61 17.96 11.72
O1 EDO MA . 0.67 18.46 11.37
C2 EDO MA . -1.64 18.65 10.85
O2 EDO MA . -1.69 17.91 9.66
H11 EDO MA . -0.82 18.16 12.78
H12 EDO MA . -0.66 16.88 11.57
HO1 EDO MA . 1.34 18.10 11.97
H21 EDO MA . -1.33 19.68 10.65
H22 EDO MA . -2.61 18.68 11.33
HO2 EDO MA . -2.22 18.38 9.00
ZN ZN NA . -17.77 7.17 6.22
ZN ZN OA . -19.76 27.45 -4.65
C1 EDO PA . -19.76 17.30 4.44
O1 EDO PA . -20.11 17.50 5.84
C2 EDO PA . -19.04 15.98 4.14
O2 EDO PA . -19.86 14.85 4.53
H11 EDO PA . -19.11 18.13 4.12
H12 EDO PA . -20.66 17.35 3.83
HO1 EDO PA . -20.62 18.31 5.93
H21 EDO PA . -18.81 15.91 3.07
H22 EDO PA . -18.09 15.94 4.68
HO2 EDO PA . -19.33 14.04 4.46
C1 EDO QA . -13.77 2.97 17.12
O1 EDO QA . -12.71 2.11 17.58
C2 EDO QA . -14.88 3.12 18.18
O2 EDO QA . -15.32 4.50 18.32
H11 EDO QA . -13.36 3.94 16.88
H12 EDO QA . -14.21 2.55 16.21
HO1 EDO QA . -12.01 2.07 16.90
H21 EDO QA . -14.49 2.78 19.14
H22 EDO QA . -15.73 2.49 17.91
HO2 EDO QA . -16.04 4.54 18.96
C1 EDO RA . -8.09 8.07 18.29
O1 EDO RA . -8.93 9.19 17.98
C2 EDO RA . -7.57 7.42 17.00
O2 EDO RA . -6.54 6.45 17.22
H11 EDO RA . -7.25 8.38 18.91
H12 EDO RA . -8.67 7.33 18.85
HO1 EDO RA . -9.23 9.59 18.81
H21 EDO RA . -7.19 8.21 16.35
H22 EDO RA . -8.40 6.94 16.48
HO2 EDO RA . -6.34 5.98 16.40
C1 EDO SA . -3.90 13.16 13.24
O1 EDO SA . -3.27 12.64 12.06
C2 EDO SA . -5.27 13.76 12.92
O2 EDO SA . -4.99 15.17 12.61
H11 EDO SA . -3.26 13.92 13.69
H12 EDO SA . -4.02 12.35 13.97
HO1 EDO SA . -2.50 12.10 12.31
H21 EDO SA . -5.94 13.68 13.77
H22 EDO SA . -5.73 13.26 12.07
HO2 EDO SA . -5.83 15.66 12.57
C1 EDO TA . -21.88 10.83 5.44
O1 EDO TA . -22.88 10.56 4.43
C2 EDO TA . -20.47 10.74 4.84
O2 EDO TA . -19.41 11.11 5.78
H11 EDO TA . -21.98 10.10 6.25
H12 EDO TA . -22.04 11.81 5.86
HO1 EDO TA . -23.74 10.44 4.86
H21 EDO TA . -20.41 11.40 3.98
H22 EDO TA . -20.29 9.72 4.50
HO2 EDO TA . -18.55 11.08 5.34
#